data_4BUH
#
_entry.id   4BUH
#
_cell.length_a   99.495
_cell.length_b   76.420
_cell.length_c   70.181
_cell.angle_alpha   90.00
_cell.angle_beta   118.07
_cell.angle_gamma   90.00
#
_symmetry.space_group_name_H-M   'C 1 2 1'
#
loop_
_entity.id
_entity.type
_entity.pdbx_description
1 polymer 'CLONE M0418 SCFV'
2 non-polymer 1,2-ETHANEDIOL
3 non-polymer DI(HYDROXYETHYL)ETHER
4 water water
#
_entity_poly.entity_id   1
_entity_poly.type   'polypeptide(L)'
_entity_poly.pdbx_seq_one_letter_code
;(PCA)VQLVQSGAEVKKPGESLKISCKGSEYSFPNYWIAWVRQMPGKGLEWMGMIYPGDSDTRYSPSFQGQVNISADKSS
RTAFLEWSSLKASDSATYFCARLGGQLWNSYYYYYYMDVWGKGTTVTVSSGGGGSGGGGSGGGGSSYELTQPPSASGTPG
QRVTISCSGSSSNIGGNTVNWYQQVPGTAPRLLIYKNNQRPSGVPDRFSGSKSGTSASLAISGLRSEDEADYYCEAWDGG
LRGGVFGGGTKLTVLGDYKDDDDKAAAHHHHHH
;
_entity_poly.pdbx_strand_id   A,B
#
# COMPACT_ATOMS: atom_id res chain seq x y z
N VAL A 2 16.74 16.49 5.78
CA VAL A 2 16.42 15.60 6.89
C VAL A 2 15.67 14.37 6.39
N GLN A 3 16.11 13.19 6.82
CA GLN A 3 15.32 12.00 6.56
C GLN A 3 15.49 10.95 7.64
N LEU A 4 14.50 10.07 7.70
CA LEU A 4 14.51 8.93 8.57
C LEU A 4 14.60 7.72 7.68
N VAL A 5 15.63 6.92 7.87
CA VAL A 5 15.93 5.79 7.00
C VAL A 5 15.46 4.50 7.68
N GLN A 6 14.47 3.84 7.09
CA GLN A 6 13.92 2.63 7.69
C GLN A 6 14.45 1.37 7.03
N SER A 7 14.56 0.30 7.81
CA SER A 7 15.04 -0.97 7.30
C SER A 7 14.06 -1.62 6.32
N GLY A 8 14.52 -2.65 5.61
CA GLY A 8 13.75 -3.22 4.53
C GLY A 8 12.61 -4.14 4.94
N ALA A 9 11.81 -4.52 3.95
CA ALA A 9 10.65 -5.38 4.18
C ALA A 9 11.04 -6.70 4.85
N GLU A 10 10.16 -7.20 5.70
CA GLU A 10 10.40 -8.43 6.43
C GLU A 10 9.27 -9.40 6.21
N VAL A 11 9.63 -10.67 6.05
CA VAL A 11 8.68 -11.76 5.93
C VAL A 11 9.04 -12.79 6.99
N LYS A 12 8.11 -13.05 7.90
CA LYS A 12 8.40 -13.85 9.09
C LYS A 12 7.28 -14.84 9.37
N LYS A 13 7.57 -15.81 10.23
CA LYS A 13 6.58 -16.78 10.67
C LYS A 13 6.13 -16.43 12.08
N PRO A 14 4.88 -16.79 12.44
CA PRO A 14 4.40 -16.58 13.81
C PRO A 14 5.34 -17.20 14.82
N GLY A 15 5.65 -16.45 15.87
CA GLY A 15 6.56 -16.90 16.90
C GLY A 15 7.94 -16.29 16.79
N GLU A 16 8.36 -15.90 15.59
CA GLU A 16 9.72 -15.39 15.40
C GLU A 16 9.88 -13.99 15.97
N SER A 17 11.11 -13.64 16.33
CA SER A 17 11.42 -12.32 16.83
CA SER A 17 11.42 -12.32 16.82
C SER A 17 11.78 -11.41 15.66
N LEU A 18 11.67 -10.10 15.88
CA LEU A 18 12.00 -9.15 14.84
C LEU A 18 12.34 -7.81 15.46
N LYS A 19 13.40 -7.19 14.94
CA LYS A 19 13.78 -5.83 15.32
C LYS A 19 13.93 -5.03 14.03
N ILE A 20 13.19 -3.93 13.92
CA ILE A 20 13.30 -3.06 12.75
C ILE A 20 13.87 -1.70 13.19
N SER A 21 14.44 -0.96 12.26
CA SER A 21 15.22 0.22 12.62
C SER A 21 14.82 1.47 11.83
N CYS A 22 15.19 2.62 12.41
CA CYS A 22 14.87 3.92 11.86
C CYS A 22 16.05 4.84 12.19
N LYS A 23 16.86 5.19 11.19
CA LYS A 23 18.04 6.01 11.41
C LYS A 23 17.76 7.46 11.01
N GLY A 24 18.07 8.40 11.91
CA GLY A 24 17.82 9.80 11.66
C GLY A 24 19.05 10.48 11.12
N SER A 25 18.88 11.22 10.04
CA SER A 25 20.00 11.89 9.39
CA SER A 25 20.01 11.90 9.41
C SER A 25 19.73 13.37 9.14
N GLU A 26 20.80 14.17 9.22
CA GLU A 26 20.79 15.60 8.91
C GLU A 26 20.01 16.46 9.92
N TYR A 27 19.91 15.98 11.15
CA TYR A 27 19.41 16.81 12.23
C TYR A 27 20.00 16.30 13.54
N SER A 28 19.74 17.01 14.64
CA SER A 28 20.28 16.62 15.93
C SER A 28 19.46 15.48 16.56
N PHE A 29 19.88 14.25 16.31
CA PHE A 29 19.13 13.07 16.70
C PHE A 29 18.72 12.98 18.18
N PRO A 30 19.62 13.37 19.12
CA PRO A 30 19.20 13.22 20.52
C PRO A 30 18.06 14.12 20.95
N ASN A 31 17.74 15.16 20.16
CA ASN A 31 16.92 16.26 20.66
C ASN A 31 15.48 16.32 20.21
N TYR A 32 15.03 15.29 19.50
CA TYR A 32 13.63 15.23 19.07
C TYR A 32 13.04 13.88 19.39
N TRP A 33 11.77 13.87 19.81
CA TRP A 33 11.04 12.63 19.93
C TRP A 33 10.88 11.95 18.56
N ILE A 34 10.91 10.62 18.58
CA ILE A 34 10.59 9.82 17.39
CA ILE A 34 10.65 9.78 17.41
C ILE A 34 9.47 8.87 17.74
N ALA A 35 8.43 8.91 16.91
CA ALA A 35 7.25 8.07 17.10
C ALA A 35 7.26 6.87 16.17
N TRP A 36 6.60 5.80 16.62
CA TRP A 36 6.31 4.66 15.77
C TRP A 36 4.81 4.55 15.56
N VAL A 37 4.43 4.27 14.32
CA VAL A 37 3.04 4.24 13.89
C VAL A 37 2.80 2.96 13.09
N ARG A 38 1.72 2.24 13.43
CA ARG A 38 1.34 1.02 12.72
C ARG A 38 0.21 1.30 11.73
N GLN A 39 0.28 0.67 10.56
CA GLN A 39 -0.83 0.71 9.61
C GLN A 39 -1.07 -0.70 9.09
N MET A 40 -2.09 -1.35 9.62
CA MET A 40 -2.44 -2.68 9.14
C MET A 40 -2.97 -2.56 7.70
N PRO A 41 -2.86 -3.65 6.91
CA PRO A 41 -3.18 -3.56 5.48
C PRO A 41 -4.61 -3.10 5.24
N GLY A 42 -4.75 -2.04 4.47
CA GLY A 42 -6.06 -1.49 4.15
C GLY A 42 -6.71 -0.71 5.30
N LYS A 43 -5.96 -0.46 6.37
CA LYS A 43 -6.52 0.19 7.54
C LYS A 43 -5.84 1.53 7.82
N GLY A 44 -6.19 2.15 8.95
CA GLY A 44 -5.68 3.46 9.29
C GLY A 44 -4.39 3.46 10.08
N LEU A 45 -3.92 4.65 10.41
CA LEU A 45 -2.73 4.84 11.25
C LEU A 45 -3.06 4.66 12.73
N GLU A 46 -2.14 4.02 13.46
CA GLU A 46 -2.27 3.83 14.90
C GLU A 46 -0.97 4.25 15.59
N TRP A 47 -1.07 5.11 16.60
CA TRP A 47 0.08 5.54 17.38
CA TRP A 47 0.09 5.54 17.35
C TRP A 47 0.55 4.43 18.31
N MET A 48 1.81 4.02 18.18
CA MET A 48 2.33 2.95 19.06
C MET A 48 3.05 3.48 20.30
N GLY A 49 3.87 4.52 20.12
CA GLY A 49 4.66 5.05 21.19
C GLY A 49 5.73 5.94 20.62
N MET A 50 6.56 6.50 21.49
CA MET A 50 7.64 7.36 21.05
C MET A 50 8.81 7.29 21.99
N ILE A 51 9.97 7.69 21.49
CA ILE A 51 11.20 7.66 22.28
C ILE A 51 11.98 8.96 22.07
N TYR A 52 12.59 9.44 23.16
CA TYR A 52 13.48 10.59 23.11
C TYR A 52 14.90 10.04 23.17
N PRO A 53 15.65 10.10 22.06
CA PRO A 53 16.90 9.34 22.04
C PRO A 53 17.98 9.87 22.97
N GLY A 54 17.91 11.15 23.37
CA GLY A 54 18.87 11.71 24.30
C GLY A 54 19.03 10.91 25.57
N ASP A 55 17.93 10.34 26.08
CA ASP A 55 17.99 9.54 27.31
C ASP A 55 17.14 8.27 27.25
N SER A 56 16.66 7.93 26.07
CA SER A 56 15.80 6.76 25.88
C SER A 56 14.50 6.78 26.68
N ASP A 57 13.99 7.99 26.96
CA ASP A 57 12.66 8.18 27.54
C ASP A 57 11.65 7.59 26.54
N THR A 58 10.87 6.60 26.97
CA THR A 58 9.93 5.93 26.09
CA THR A 58 9.96 5.90 26.11
C THR A 58 8.54 6.00 26.66
N ARG A 59 7.60 6.42 25.81
CA ARG A 59 6.19 6.56 26.21
C ARG A 59 5.34 5.78 25.23
N TYR A 60 4.58 4.80 25.72
CA TYR A 60 3.81 3.89 24.89
C TYR A 60 2.31 4.17 24.93
N SER A 61 1.63 3.84 23.84
CA SER A 61 0.18 3.74 23.85
CA SER A 61 0.19 3.77 23.89
C SER A 61 -0.22 2.55 24.70
N PRO A 62 -1.31 2.66 25.48
CA PRO A 62 -1.74 1.49 26.28
C PRO A 62 -2.07 0.28 25.40
N SER A 63 -2.42 0.52 24.14
CA SER A 63 -2.76 -0.56 23.23
C SER A 63 -1.54 -1.36 22.80
N PHE A 64 -0.34 -0.80 23.00
CA PHE A 64 0.87 -1.44 22.53
C PHE A 64 1.87 -1.77 23.62
N GLN A 65 1.76 -1.10 24.76
CA GLN A 65 2.73 -1.33 25.81
C GLN A 65 2.67 -2.78 26.27
N GLY A 66 3.85 -3.37 26.46
CA GLY A 66 3.96 -4.76 26.87
C GLY A 66 3.93 -5.74 25.70
N GLN A 67 3.63 -5.22 24.50
CA GLN A 67 3.52 -6.07 23.31
C GLN A 67 4.70 -5.83 22.37
N VAL A 68 5.36 -4.69 22.54
CA VAL A 68 6.50 -4.29 21.71
CA VAL A 68 6.48 -4.30 21.70
C VAL A 68 7.48 -3.52 22.56
N ASN A 69 8.73 -3.44 22.11
CA ASN A 69 9.75 -2.65 22.78
C ASN A 69 10.33 -1.61 21.84
N ILE A 70 10.34 -0.37 22.29
CA ILE A 70 10.94 0.72 21.54
C ILE A 70 12.27 1.06 22.21
N SER A 71 13.32 1.25 21.43
CA SER A 71 14.64 1.58 21.98
C SER A 71 15.41 2.47 21.03
N ALA A 72 16.58 2.92 21.46
CA ALA A 72 17.40 3.77 20.62
C ALA A 72 18.86 3.63 20.95
N ASP A 73 19.69 3.80 19.93
CA ASP A 73 21.13 3.82 20.09
C ASP A 73 21.62 5.18 19.62
N LYS A 74 21.93 6.06 20.56
CA LYS A 74 22.37 7.41 20.23
C LYS A 74 23.57 7.42 19.31
N SER A 75 24.53 6.56 19.59
CA SER A 75 25.80 6.56 18.85
C SER A 75 25.63 6.25 17.36
N SER A 76 24.62 5.46 17.01
CA SER A 76 24.36 5.14 15.61
C SER A 76 23.17 5.92 15.04
N ARG A 77 22.66 6.88 15.81
CA ARG A 77 21.50 7.70 15.44
C ARG A 77 20.31 6.85 14.99
N THR A 78 20.07 5.75 15.68
CA THR A 78 19.02 4.82 15.25
C THR A 78 18.02 4.51 16.35
N ALA A 79 16.74 4.51 15.99
CA ALA A 79 15.68 4.04 16.88
C ALA A 79 15.20 2.68 16.39
N PHE A 80 14.60 1.89 17.29
CA PHE A 80 14.22 0.52 16.97
C PHE A 80 12.83 0.20 17.50
N LEU A 81 12.18 -0.74 16.82
CA LEU A 81 10.94 -1.33 17.27
C LEU A 81 11.14 -2.85 17.25
N GLU A 82 10.80 -3.53 18.34
CA GLU A 82 11.14 -4.94 18.48
C GLU A 82 10.00 -5.77 19.06
N TRP A 83 9.83 -6.95 18.51
CA TRP A 83 8.90 -7.95 19.04
C TRP A 83 9.70 -9.19 19.43
N SER A 84 9.38 -9.78 20.57
CA SER A 84 10.02 -11.03 20.94
C SER A 84 9.37 -12.22 20.25
N SER A 85 8.07 -12.09 19.94
CA SER A 85 7.30 -13.17 19.33
C SER A 85 6.17 -12.64 18.47
N LEU A 86 6.36 -12.66 17.16
CA LEU A 86 5.38 -12.11 16.23
C LEU A 86 4.11 -12.94 16.15
N LYS A 87 3.00 -12.27 15.87
CA LYS A 87 1.74 -12.91 15.54
C LYS A 87 1.35 -12.52 14.11
N ALA A 88 0.51 -13.33 13.46
CA ALA A 88 0.03 -12.98 12.13
C ALA A 88 -0.61 -11.59 12.13
N SER A 89 -1.26 -11.25 13.23
CA SER A 89 -1.93 -9.96 13.36
C SER A 89 -0.96 -8.79 13.44
N ASP A 90 0.34 -9.06 13.56
CA ASP A 90 1.35 -8.00 13.50
C ASP A 90 1.69 -7.59 12.06
N SER A 91 1.12 -8.28 11.07
CA SER A 91 1.35 -7.90 9.68
C SER A 91 0.84 -6.49 9.43
N ALA A 92 1.75 -5.62 9.01
CA ALA A 92 1.43 -4.20 8.86
C ALA A 92 2.61 -3.49 8.25
N THR A 93 2.41 -2.21 7.91
CA THR A 93 3.51 -1.32 7.61
C THR A 93 3.75 -0.46 8.84
N TYR A 94 5.02 -0.32 9.21
CA TYR A 94 5.41 0.44 10.39
C TYR A 94 6.19 1.65 9.95
N PHE A 95 5.74 2.81 10.39
CA PHE A 95 6.41 4.08 10.09
C PHE A 95 7.06 4.63 11.33
N CYS A 96 8.24 5.23 11.14
CA CYS A 96 8.75 6.10 12.20
CA CYS A 96 8.90 6.08 12.11
C CYS A 96 8.61 7.54 11.73
N ALA A 97 8.49 8.44 12.69
CA ALA A 97 8.28 9.86 12.37
C ALA A 97 8.88 10.74 13.45
N ARG A 98 9.51 11.84 13.04
CA ARG A 98 10.06 12.79 13.98
C ARG A 98 9.00 13.78 14.43
N LEU A 99 8.96 14.04 15.73
CA LEU A 99 8.13 15.12 16.25
CA LEU A 99 8.15 15.12 16.28
C LEU A 99 8.91 16.41 16.08
N GLY A 100 8.36 17.31 15.27
CA GLY A 100 9.09 18.46 14.76
C GLY A 100 9.26 19.68 15.64
N GLY A 101 8.51 19.76 16.74
CA GLY A 101 8.70 20.86 17.67
C GLY A 101 10.11 20.86 18.21
N GLN A 102 10.63 22.04 18.53
CA GLN A 102 11.97 22.22 19.07
C GLN A 102 11.88 22.46 20.57
N LEU A 103 12.13 21.42 21.37
CA LEU A 103 11.94 21.49 22.82
C LEU A 103 12.78 22.55 23.52
N TRP A 104 13.94 22.86 22.95
CA TRP A 104 14.89 23.79 23.56
C TRP A 104 14.66 25.26 23.19
N ASN A 105 13.71 25.54 22.28
CA ASN A 105 13.63 26.88 21.68
C ASN A 105 12.90 27.97 22.46
N SER A 106 12.39 27.61 23.64
CA SER A 106 11.74 28.51 24.61
C SER A 106 10.24 28.75 24.37
N TYR A 107 9.73 28.31 23.22
CA TYR A 107 8.31 28.45 22.91
C TYR A 107 7.54 27.20 23.34
N TYR A 108 6.26 27.39 23.65
CA TYR A 108 5.39 26.30 24.11
C TYR A 108 5.44 25.15 23.13
N TYR A 109 5.53 23.93 23.65
CA TYR A 109 5.77 22.77 22.80
C TYR A 109 4.46 22.10 22.35
N TYR A 110 4.33 21.95 21.05
CA TYR A 110 3.19 21.29 20.45
C TYR A 110 3.68 20.03 19.75
N TYR A 111 2.91 18.96 19.82
CA TYR A 111 3.29 17.71 19.18
C TYR A 111 2.78 17.63 17.74
N TYR A 112 3.69 17.37 16.80
CA TYR A 112 3.29 17.12 15.43
C TYR A 112 4.43 16.37 14.75
N MET A 113 4.07 15.52 13.79
CA MET A 113 5.04 14.64 13.13
C MET A 113 5.42 15.20 11.77
N ASP A 114 6.62 15.80 11.69
CA ASP A 114 6.97 16.56 10.51
C ASP A 114 7.76 15.82 9.44
N VAL A 115 8.56 14.83 9.83
CA VAL A 115 9.34 14.04 8.88
C VAL A 115 9.04 12.57 9.10
N TRP A 116 8.67 11.86 8.05
CA TRP A 116 8.28 10.46 8.17
C TRP A 116 9.25 9.58 7.40
N GLY A 117 9.56 8.42 7.95
CA GLY A 117 10.29 7.39 7.21
C GLY A 117 9.38 6.79 6.15
N LYS A 118 9.97 6.01 5.26
CA LYS A 118 9.22 5.47 4.13
C LYS A 118 8.31 4.29 4.52
N GLY A 119 8.49 3.78 5.74
CA GLY A 119 7.74 2.62 6.19
C GLY A 119 8.47 1.31 5.97
N THR A 120 8.28 0.37 6.89
CA THR A 120 8.81 -0.98 6.76
C THR A 120 7.63 -1.93 6.79
N THR A 121 7.45 -2.72 5.74
CA THR A 121 6.36 -3.69 5.72
CA THR A 121 6.36 -3.68 5.72
C THR A 121 6.81 -4.98 6.39
N VAL A 122 5.95 -5.51 7.23
CA VAL A 122 6.19 -6.77 7.92
C VAL A 122 5.03 -7.69 7.59
N THR A 123 5.35 -8.85 7.04
CA THR A 123 4.33 -9.82 6.71
C THR A 123 4.59 -11.07 7.56
N VAL A 124 3.60 -11.46 8.37
CA VAL A 124 3.71 -12.63 9.23
C VAL A 124 2.62 -13.62 8.85
N SER A 125 3.02 -14.77 8.33
CA SER A 125 2.07 -15.76 7.86
C SER A 125 2.71 -17.13 7.79
N SER A 126 1.87 -18.17 7.73
CA SER A 126 2.35 -19.54 7.63
C SER A 126 1.93 -20.19 6.32
N GLY A 127 1.24 -19.41 5.48
CA GLY A 127 0.77 -19.92 4.21
C GLY A 127 -0.52 -20.71 4.35
N TYR A 143 -9.44 3.10 20.71
CA TYR A 143 -10.07 4.40 20.55
C TYR A 143 -9.49 5.18 19.38
N GLU A 144 -10.36 5.82 18.62
CA GLU A 144 -9.92 6.68 17.53
C GLU A 144 -10.83 7.89 17.45
N LEU A 145 -10.31 8.97 16.88
CA LEU A 145 -11.13 10.13 16.54
C LEU A 145 -12.08 9.70 15.42
N THR A 146 -13.25 10.32 15.37
CA THR A 146 -14.24 9.94 14.37
C THR A 146 -14.14 10.81 13.12
N GLN A 147 -13.89 10.18 11.99
CA GLN A 147 -13.88 10.84 10.67
C GLN A 147 -14.79 10.06 9.74
N PRO A 148 -15.44 10.74 8.78
CA PRO A 148 -16.17 10.01 7.74
CA PRO A 148 -16.17 10.02 7.74
C PRO A 148 -15.17 9.18 6.94
N PRO A 149 -15.53 7.93 6.60
CA PRO A 149 -14.55 7.08 5.89
C PRO A 149 -14.27 7.53 4.46
N SER A 150 -15.15 8.35 3.89
CA SER A 150 -14.94 8.80 2.53
CA SER A 150 -14.97 8.77 2.52
C SER A 150 -15.38 10.23 2.29
N ALA A 151 -14.81 10.82 1.25
CA ALA A 151 -15.26 12.08 0.73
C ALA A 151 -15.01 12.05 -0.77
N SER A 152 -15.79 12.80 -1.53
CA SER A 152 -15.56 12.85 -2.96
C SER A 152 -16.09 14.14 -3.54
N GLY A 153 -15.57 14.48 -4.72
CA GLY A 153 -16.07 15.64 -5.45
C GLY A 153 -15.39 15.73 -6.79
N THR A 154 -15.94 16.54 -7.68
CA THR A 154 -15.30 16.79 -8.96
C THR A 154 -14.23 17.85 -8.75
N PRO A 155 -13.32 18.02 -9.72
CA PRO A 155 -12.34 19.10 -9.57
C PRO A 155 -13.03 20.44 -9.34
N GLY A 156 -12.56 21.20 -8.35
CA GLY A 156 -13.15 22.48 -8.03
C GLY A 156 -14.15 22.43 -6.88
N GLN A 157 -14.62 21.24 -6.56
CA GLN A 157 -15.59 21.07 -5.46
C GLN A 157 -14.98 21.42 -4.11
N ARG A 158 -15.68 22.25 -3.34
CA ARG A 158 -15.29 22.48 -1.96
C ARG A 158 -15.65 21.28 -1.11
N VAL A 159 -14.66 20.75 -0.40
CA VAL A 159 -14.85 19.57 0.43
C VAL A 159 -14.34 19.88 1.81
N THR A 160 -15.12 19.50 2.82
CA THR A 160 -14.66 19.56 4.19
C THR A 160 -14.64 18.15 4.75
N ILE A 161 -13.64 17.89 5.58
CA ILE A 161 -13.51 16.61 6.26
C ILE A 161 -13.52 16.87 7.75
N SER A 162 -14.46 16.24 8.46
CA SER A 162 -14.63 16.46 9.88
CA SER A 162 -14.63 16.47 9.88
C SER A 162 -13.84 15.46 10.70
N CYS A 163 -13.57 15.83 11.94
CA CYS A 163 -12.84 15.02 12.90
C CYS A 163 -13.49 15.31 14.25
N SER A 164 -14.09 14.30 14.88
CA SER A 164 -14.74 14.50 16.17
CA SER A 164 -14.76 14.48 16.17
C SER A 164 -14.02 13.74 17.28
N GLY A 165 -13.75 14.44 18.38
CA GLY A 165 -13.05 13.85 19.51
C GLY A 165 -13.75 14.13 20.83
N SER A 166 -12.96 14.23 21.88
CA SER A 166 -13.49 14.49 23.22
C SER A 166 -12.62 15.52 23.93
N SER A 167 -13.00 15.83 25.17
CA SER A 167 -12.29 16.85 25.93
C SER A 167 -10.83 16.51 26.17
N SER A 168 -10.52 15.21 26.27
CA SER A 168 -9.16 14.77 26.58
C SER A 168 -8.20 14.88 25.40
N ASN A 169 -8.73 14.96 24.18
CA ASN A 169 -7.89 15.13 23.01
C ASN A 169 -8.13 16.47 22.30
N ILE A 170 -9.02 16.49 21.30
CA ILE A 170 -9.26 17.71 20.54
C ILE A 170 -9.69 18.91 21.41
N GLY A 171 -10.46 18.64 22.44
CA GLY A 171 -10.94 19.72 23.32
C GLY A 171 -9.84 20.52 23.99
N GLY A 172 -8.74 19.85 24.35
CA GLY A 172 -7.67 20.49 25.08
C GLY A 172 -6.32 20.54 24.38
N ASN A 173 -6.25 19.97 23.18
CA ASN A 173 -4.99 19.87 22.46
C ASN A 173 -5.16 20.26 21.00
N THR A 174 -4.05 20.57 20.35
CA THR A 174 -4.11 20.95 18.95
C THR A 174 -4.29 19.74 18.05
N VAL A 175 -4.79 20.01 16.84
CA VAL A 175 -5.05 18.97 15.86
C VAL A 175 -4.11 19.12 14.68
N ASN A 176 -3.62 17.97 14.20
CA ASN A 176 -2.81 17.91 12.99
C ASN A 176 -3.53 17.09 11.95
N TRP A 177 -3.19 17.33 10.69
CA TRP A 177 -3.74 16.56 9.58
C TRP A 177 -2.60 16.02 8.74
N TYR A 178 -2.75 14.76 8.30
CA TYR A 178 -1.76 14.10 7.46
C TYR A 178 -2.41 13.61 6.18
N GLN A 179 -1.68 13.72 5.08
CA GLN A 179 -2.13 13.24 3.78
C GLN A 179 -1.29 12.03 3.40
N GLN A 180 -1.93 10.96 2.96
CA GLN A 180 -1.19 9.77 2.58
C GLN A 180 -1.68 9.27 1.23
N VAL A 181 -0.79 9.35 0.26
CA VAL A 181 -1.02 8.71 -1.03
C VAL A 181 -0.60 7.24 -0.85
N PRO A 182 -1.44 6.31 -1.31
CA PRO A 182 -1.24 4.86 -1.17
C PRO A 182 0.20 4.38 -1.43
N GLY A 183 0.73 3.57 -0.51
CA GLY A 183 2.04 2.98 -0.68
C GLY A 183 3.18 3.87 -0.23
N THR A 184 2.85 5.11 0.14
CA THR A 184 3.86 6.07 0.55
C THR A 184 3.64 6.53 1.98
N ALA A 185 4.60 7.28 2.50
CA ALA A 185 4.51 7.77 3.86
C ALA A 185 3.53 8.94 3.93
N PRO A 186 2.82 9.03 5.05
CA PRO A 186 2.04 10.24 5.32
C PRO A 186 2.91 11.50 5.26
N ARG A 187 2.25 12.61 4.95
CA ARG A 187 2.86 13.94 4.84
C ARG A 187 2.08 14.88 5.75
N LEU A 188 2.78 15.63 6.59
CA LEU A 188 2.14 16.63 7.41
C LEU A 188 1.51 17.72 6.54
N LEU A 189 0.21 17.93 6.73
CA LEU A 189 -0.54 18.88 5.94
C LEU A 189 -0.90 20.16 6.71
N ILE A 190 -1.36 19.98 7.94
CA ILE A 190 -1.76 21.08 8.82
C ILE A 190 -1.27 20.70 10.19
N TYR A 191 -0.71 21.66 10.91
CA TYR A 191 -0.34 21.43 12.31
C TYR A 191 -0.85 22.58 13.16
N LYS A 192 -0.92 22.34 14.46
CA LYS A 192 -1.41 23.34 15.41
CA LYS A 192 -1.41 23.35 15.41
C LYS A 192 -2.74 23.94 14.96
N ASN A 193 -3.66 23.05 14.59
CA ASN A 193 -5.03 23.39 14.17
C ASN A 193 -5.15 23.96 12.77
N ASN A 194 -4.29 24.92 12.44
CA ASN A 194 -4.52 25.72 11.22
C ASN A 194 -3.27 26.21 10.52
N GLN A 195 -2.12 25.71 10.92
CA GLN A 195 -0.87 26.15 10.30
C GLN A 195 -0.41 25.22 9.19
N ARG A 196 0.03 25.80 8.08
CA ARG A 196 0.47 25.00 6.94
C ARG A 196 1.98 25.01 6.79
N PRO A 197 2.59 23.81 6.69
CA PRO A 197 4.02 23.72 6.35
C PRO A 197 4.28 24.36 5.01
N SER A 198 5.50 24.86 4.80
CA SER A 198 5.90 25.34 3.50
C SER A 198 5.73 24.20 2.49
N GLY A 199 5.16 24.51 1.34
CA GLY A 199 4.95 23.49 0.32
C GLY A 199 3.54 22.97 0.23
N VAL A 200 2.78 23.09 1.32
CA VAL A 200 1.39 22.70 1.30
C VAL A 200 0.57 23.87 0.78
N PRO A 201 -0.18 23.66 -0.31
CA PRO A 201 -0.89 24.77 -0.96
C PRO A 201 -2.01 25.38 -0.12
N ASP A 202 -2.33 26.62 -0.41
CA ASP A 202 -3.26 27.40 0.39
C ASP A 202 -4.72 26.94 0.29
N ARG A 203 -5.01 26.03 -0.64
CA ARG A 203 -6.37 25.50 -0.74
C ARG A 203 -6.70 24.59 0.45
N PHE A 204 -5.67 24.15 1.17
CA PHE A 204 -5.85 23.37 2.39
C PHE A 204 -5.89 24.33 3.56
N SER A 205 -6.90 24.17 4.41
CA SER A 205 -6.94 24.95 5.63
C SER A 205 -7.55 24.10 6.73
N GLY A 206 -7.24 24.42 7.97
CA GLY A 206 -7.74 23.67 9.10
C GLY A 206 -8.39 24.60 10.10
N SER A 207 -9.33 24.05 10.88
CA SER A 207 -9.94 24.78 11.97
C SER A 207 -10.27 23.79 13.08
N LYS A 208 -10.45 24.30 14.29
CA LYS A 208 -10.84 23.49 15.42
C LYS A 208 -11.83 24.29 16.25
N SER A 209 -12.87 23.62 16.73
CA SER A 209 -13.82 24.26 17.64
C SER A 209 -14.44 23.24 18.57
N GLY A 210 -14.37 23.52 19.87
CA GLY A 210 -14.82 22.58 20.86
C GLY A 210 -14.05 21.28 20.74
N THR A 211 -14.77 20.19 20.59
CA THR A 211 -14.14 18.88 20.49
C THR A 211 -14.13 18.36 19.06
N SER A 212 -14.34 19.23 18.08
CA SER A 212 -14.27 18.83 16.69
C SER A 212 -13.26 19.67 15.92
N ALA A 213 -12.81 19.14 14.79
CA ALA A 213 -11.89 19.84 13.92
C ALA A 213 -12.29 19.58 12.47
N SER A 214 -11.78 20.40 11.56
CA SER A 214 -12.18 20.29 10.17
C SER A 214 -11.02 20.66 9.25
N LEU A 215 -10.86 19.87 8.19
CA LEU A 215 -9.95 20.18 7.13
C LEU A 215 -10.77 20.59 5.92
N ALA A 216 -10.51 21.77 5.41
CA ALA A 216 -11.22 22.24 4.24
C ALA A 216 -10.29 22.25 3.05
N ILE A 217 -10.79 21.75 1.94
CA ILE A 217 -10.09 21.85 0.68
C ILE A 217 -10.98 22.76 -0.16
N SER A 218 -10.51 23.98 -0.43
CA SER A 218 -11.36 25.01 -1.02
C SER A 218 -11.95 24.61 -2.38
N GLY A 219 -11.17 23.83 -3.13
CA GLY A 219 -11.60 23.26 -4.38
C GLY A 219 -10.63 22.16 -4.73
N LEU A 220 -11.16 20.97 -5.02
CA LEU A 220 -10.34 19.78 -5.26
C LEU A 220 -9.50 19.85 -6.53
N ARG A 221 -8.28 19.34 -6.43
CA ARG A 221 -7.46 19.04 -7.60
C ARG A 221 -7.22 17.52 -7.66
N SER A 222 -6.94 17.00 -8.85
CA SER A 222 -6.76 15.55 -9.03
C SER A 222 -5.69 14.96 -8.11
N GLU A 223 -4.61 15.71 -7.88
CA GLU A 223 -3.52 15.24 -7.03
C GLU A 223 -3.89 15.18 -5.55
N ASP A 224 -5.10 15.61 -5.22
CA ASP A 224 -5.56 15.57 -3.84
C ASP A 224 -6.12 14.19 -3.46
N GLU A 225 -6.28 13.29 -4.43
CA GLU A 225 -6.72 11.93 -4.14
C GLU A 225 -5.75 11.24 -3.20
N ALA A 226 -6.23 10.87 -2.02
CA ALA A 226 -5.36 10.40 -0.97
C ALA A 226 -6.23 10.06 0.22
N ASP A 227 -5.62 9.46 1.24
CA ASP A 227 -6.25 9.29 2.54
C ASP A 227 -5.82 10.43 3.46
N TYR A 228 -6.77 10.95 4.23
CA TYR A 228 -6.51 12.06 5.14
C TYR A 228 -6.78 11.64 6.57
N TYR A 229 -5.83 11.91 7.46
CA TYR A 229 -5.95 11.52 8.87
C TYR A 229 -5.82 12.74 9.76
N CYS A 230 -6.77 12.90 10.67
CA CYS A 230 -6.58 13.87 11.74
CA CYS A 230 -6.69 13.84 11.77
C CYS A 230 -5.90 13.18 12.91
N GLU A 231 -5.27 13.97 13.76
CA GLU A 231 -4.52 13.46 14.89
C GLU A 231 -4.47 14.51 15.98
N ALA A 232 -4.55 14.07 17.22
CA ALA A 232 -4.40 14.98 18.35
C ALA A 232 -3.79 14.24 19.51
N TRP A 233 -3.06 14.97 20.35
CA TRP A 233 -2.55 14.40 21.59
C TRP A 233 -3.74 14.16 22.52
N ASP A 234 -3.72 13.03 23.20
CA ASP A 234 -4.70 12.75 24.23
C ASP A 234 -4.00 12.74 25.58
N GLY A 235 -4.44 13.61 26.48
CA GLY A 235 -3.81 13.76 27.78
C GLY A 235 -4.09 12.61 28.73
N GLY A 236 -5.19 11.89 28.48
CA GLY A 236 -5.53 10.73 29.29
C GLY A 236 -4.72 9.51 28.90
N LEU A 237 -4.43 9.39 27.60
CA LEU A 237 -3.69 8.24 27.10
C LEU A 237 -2.19 8.52 27.02
N ARG A 238 -1.82 9.79 27.14
CA ARG A 238 -0.43 10.21 27.05
C ARG A 238 0.22 9.78 25.74
N GLY A 239 -0.47 10.08 24.65
CA GLY A 239 0.01 9.74 23.33
C GLY A 239 -0.94 10.28 22.29
N GLY A 240 -0.54 10.16 21.03
CA GLY A 240 -1.38 10.64 19.96
C GLY A 240 -2.51 9.70 19.67
N VAL A 241 -3.61 10.26 19.20
CA VAL A 241 -4.71 9.45 18.69
CA VAL A 241 -4.73 9.46 18.70
C VAL A 241 -5.04 9.92 17.29
N PHE A 242 -5.17 8.97 16.38
CA PHE A 242 -5.53 9.29 15.00
C PHE A 242 -7.02 9.09 14.78
N GLY A 243 -7.56 9.82 13.80
CA GLY A 243 -8.86 9.47 13.27
C GLY A 243 -8.75 8.25 12.38
N GLY A 244 -9.89 7.66 12.02
CA GLY A 244 -9.88 6.46 11.22
C GLY A 244 -9.47 6.68 9.76
N GLY A 245 -9.40 7.94 9.34
CA GLY A 245 -9.03 8.26 7.97
C GLY A 245 -10.21 8.47 7.05
N THR A 246 -10.03 9.38 6.11
CA THR A 246 -11.02 9.70 5.09
C THR A 246 -10.37 9.50 3.73
N LYS A 247 -10.93 8.58 2.95
CA LYS A 247 -10.44 8.35 1.60
C LYS A 247 -11.11 9.36 0.67
N LEU A 248 -10.33 10.24 0.07
CA LEU A 248 -10.86 11.28 -0.81
C LEU A 248 -10.68 10.87 -2.26
N THR A 249 -11.80 10.81 -2.98
CA THR A 249 -11.81 10.52 -4.40
C THR A 249 -12.14 11.77 -5.19
N VAL A 250 -11.36 12.03 -6.23
CA VAL A 250 -11.66 13.12 -7.15
C VAL A 250 -12.32 12.54 -8.39
N LEU A 251 -13.60 12.84 -8.55
CA LEU A 251 -14.44 12.26 -9.60
C LEU A 251 -14.19 12.90 -10.96
N GLY A 252 -14.40 12.12 -12.01
CA GLY A 252 -14.21 12.60 -13.37
N VAL B 2 -1.25 5.00 -24.65
CA VAL B 2 -2.00 3.77 -24.52
C VAL B 2 -2.19 3.51 -23.05
N GLN B 3 -3.43 3.62 -22.58
CA GLN B 3 -3.67 3.49 -21.15
C GLN B 3 -5.06 2.96 -20.88
N LEU B 4 -5.21 2.47 -19.66
CA LEU B 4 -6.50 2.08 -19.11
C LEU B 4 -6.74 2.99 -17.92
N VAL B 5 -7.81 3.77 -17.97
CA VAL B 5 -8.13 4.71 -16.90
C VAL B 5 -9.21 4.13 -16.01
N GLN B 6 -8.86 3.89 -14.75
CA GLN B 6 -9.80 3.28 -13.83
C GLN B 6 -10.52 4.32 -12.99
N SER B 7 -11.75 4.01 -12.61
CA SER B 7 -12.53 4.90 -11.78
C SER B 7 -11.94 5.00 -10.36
N GLY B 8 -12.37 6.01 -9.62
CA GLY B 8 -11.74 6.32 -8.34
C GLY B 8 -12.12 5.41 -7.19
N ALA B 9 -11.39 5.54 -6.09
CA ALA B 9 -11.61 4.73 -4.89
C ALA B 9 -13.07 4.80 -4.44
N GLU B 10 -13.56 3.68 -3.90
CA GLU B 10 -14.94 3.56 -3.46
C GLU B 10 -14.99 3.06 -2.02
N VAL B 11 -15.84 3.69 -1.22
CA VAL B 11 -16.11 3.23 0.13
C VAL B 11 -17.60 2.91 0.21
N LYS B 12 -17.91 1.66 0.56
CA LYS B 12 -19.28 1.16 0.48
C LYS B 12 -19.66 0.43 1.75
N LYS B 13 -20.97 0.20 1.92
CA LYS B 13 -21.51 -0.59 3.03
C LYS B 13 -21.80 -1.99 2.54
N PRO B 14 -21.66 -2.99 3.42
CA PRO B 14 -22.09 -4.35 3.06
C PRO B 14 -23.55 -4.30 2.63
N GLY B 15 -23.87 -4.96 1.52
CA GLY B 15 -25.21 -4.96 0.98
C GLY B 15 -25.39 -3.98 -0.15
N GLU B 16 -24.49 -3.01 -0.29
CA GLU B 16 -24.57 -2.05 -1.38
C GLU B 16 -24.06 -2.66 -2.69
N SER B 17 -24.49 -2.09 -3.81
CA SER B 17 -24.01 -2.52 -5.11
C SER B 17 -22.86 -1.62 -5.54
N LEU B 18 -22.09 -2.05 -6.53
CA LEU B 18 -20.97 -1.26 -7.01
C LEU B 18 -20.59 -1.70 -8.40
N LYS B 19 -20.36 -0.72 -9.27
CA LYS B 19 -19.84 -0.97 -10.61
C LYS B 19 -18.63 -0.07 -10.79
N ILE B 20 -17.47 -0.67 -11.07
CA ILE B 20 -16.26 0.10 -11.31
C ILE B 20 -15.88 -0.02 -12.78
N SER B 21 -15.13 0.96 -13.28
CA SER B 21 -14.91 1.05 -14.73
C SER B 21 -13.44 1.17 -15.10
N CYS B 22 -13.17 0.81 -16.35
CA CYS B 22 -11.83 0.79 -16.89
C CYS B 22 -11.93 1.23 -18.34
N LYS B 23 -11.53 2.47 -18.64
CA LYS B 23 -11.69 3.03 -19.98
C LYS B 23 -10.39 3.00 -20.76
N GLY B 24 -10.44 2.41 -21.95
CA GLY B 24 -9.26 2.30 -22.78
C GLY B 24 -9.14 3.48 -23.72
N SER B 25 -7.92 3.87 -24.04
CA SER B 25 -7.71 4.90 -25.03
C SER B 25 -6.44 4.67 -25.80
N GLU B 26 -6.40 5.25 -27.00
CA GLU B 26 -5.24 5.20 -27.88
C GLU B 26 -4.89 3.79 -28.39
N TYR B 27 -5.87 2.90 -28.40
CA TYR B 27 -5.73 1.61 -29.08
C TYR B 27 -7.10 1.11 -29.51
N SER B 28 -7.12 0.07 -30.34
CA SER B 28 -8.39 -0.49 -30.82
C SER B 28 -9.06 -1.33 -29.74
N PHE B 29 -9.94 -0.68 -28.99
CA PHE B 29 -10.59 -1.29 -27.83
C PHE B 29 -11.29 -2.63 -28.07
N PRO B 30 -11.97 -2.79 -29.22
CA PRO B 30 -12.66 -4.09 -29.37
C PRO B 30 -11.72 -5.28 -29.49
N ASN B 31 -10.44 -5.06 -29.78
CA ASN B 31 -9.59 -6.16 -30.26
C ASN B 31 -8.57 -6.74 -29.28
N TYR B 32 -8.64 -6.32 -28.03
CA TYR B 32 -7.75 -6.85 -26.99
C TYR B 32 -8.56 -7.28 -25.79
N TRP B 33 -8.21 -8.43 -25.23
CA TRP B 33 -8.78 -8.85 -23.97
C TRP B 33 -8.43 -7.88 -22.85
N ILE B 34 -9.38 -7.70 -21.94
CA ILE B 34 -9.12 -6.98 -20.71
CA ILE B 34 -9.19 -6.95 -20.71
C ILE B 34 -9.41 -7.90 -19.54
N ALA B 35 -8.42 -8.03 -18.66
CA ALA B 35 -8.55 -8.87 -17.47
C ALA B 35 -8.80 -8.03 -16.24
N TRP B 36 -9.43 -8.65 -15.25
CA TRP B 36 -9.59 -8.04 -13.94
C TRP B 36 -8.87 -8.90 -12.92
N VAL B 37 -8.13 -8.21 -12.05
CA VAL B 37 -7.27 -8.84 -11.05
C VAL B 37 -7.56 -8.25 -9.68
N ARG B 38 -7.75 -9.11 -8.68
CA ARG B 38 -8.00 -8.67 -7.31
C ARG B 38 -6.72 -8.76 -6.47
N GLN B 39 -6.52 -7.78 -5.61
CA GLN B 39 -5.44 -7.83 -4.62
C GLN B 39 -6.02 -7.43 -3.27
N MET B 40 -6.26 -8.42 -2.42
CA MET B 40 -6.73 -8.11 -1.08
C MET B 40 -5.61 -7.41 -0.30
N PRO B 41 -5.99 -6.61 0.71
CA PRO B 41 -4.97 -5.80 1.41
C PRO B 41 -3.85 -6.66 1.98
N GLY B 42 -2.62 -6.35 1.58
CA GLY B 42 -1.44 -7.04 2.05
C GLY B 42 -1.21 -8.41 1.42
N LYS B 43 -2.01 -8.77 0.41
CA LYS B 43 -1.94 -10.08 -0.20
C LYS B 43 -1.49 -10.02 -1.66
N GLY B 44 -1.52 -11.15 -2.34
CA GLY B 44 -1.06 -11.23 -3.71
C GLY B 44 -2.13 -10.95 -4.74
N LEU B 45 -1.76 -11.13 -6.00
CA LEU B 45 -2.67 -10.95 -7.13
C LEU B 45 -3.50 -12.20 -7.41
N GLU B 46 -4.77 -12.00 -7.76
CA GLU B 46 -5.67 -13.10 -8.12
C GLU B 46 -6.39 -12.77 -9.42
N TRP B 47 -6.38 -13.70 -10.36
CA TRP B 47 -7.03 -13.52 -11.63
CA TRP B 47 -7.06 -13.55 -11.64
C TRP B 47 -8.55 -13.74 -11.46
N MET B 48 -9.35 -12.73 -11.83
CA MET B 48 -10.80 -12.85 -11.70
C MET B 48 -11.49 -13.34 -12.97
N GLY B 49 -11.05 -12.83 -14.11
CA GLY B 49 -11.65 -13.16 -15.37
C GLY B 49 -11.20 -12.16 -16.40
N MET B 50 -11.69 -12.32 -17.62
CA MET B 50 -11.37 -11.40 -18.69
C MET B 50 -12.50 -11.30 -19.70
N ILE B 51 -12.48 -10.21 -20.46
CA ILE B 51 -13.50 -9.99 -21.47
C ILE B 51 -12.90 -9.46 -22.77
N TYR B 52 -13.44 -9.92 -23.89
CA TYR B 52 -13.04 -9.43 -25.20
C TYR B 52 -14.12 -8.47 -25.66
N PRO B 53 -13.83 -7.16 -25.68
CA PRO B 53 -14.94 -6.21 -25.87
C PRO B 53 -15.61 -6.27 -27.23
N GLY B 54 -14.93 -6.79 -28.25
CA GLY B 54 -15.50 -6.89 -29.58
C GLY B 54 -16.83 -7.63 -29.60
N ASP B 55 -16.94 -8.69 -28.80
CA ASP B 55 -18.20 -9.43 -28.74
C ASP B 55 -18.64 -9.77 -27.33
N SER B 56 -17.92 -9.21 -26.35
CA SER B 56 -18.18 -9.50 -24.94
C SER B 56 -18.01 -10.98 -24.55
N ASP B 57 -17.12 -11.68 -25.25
CA ASP B 57 -16.70 -13.01 -24.82
C ASP B 57 -16.09 -12.84 -23.41
N THR B 58 -16.68 -13.50 -22.42
CA THR B 58 -16.34 -13.28 -21.02
C THR B 58 -15.98 -14.62 -20.40
N ARG B 59 -14.81 -14.67 -19.77
CA ARG B 59 -14.31 -15.91 -19.20
C ARG B 59 -13.93 -15.65 -17.75
N TYR B 60 -14.58 -16.38 -16.84
CA TYR B 60 -14.43 -16.19 -15.40
C TYR B 60 -13.54 -17.27 -14.81
N SER B 61 -12.74 -16.90 -13.83
CA SER B 61 -12.12 -17.89 -12.96
C SER B 61 -13.22 -18.64 -12.24
N PRO B 62 -13.06 -19.97 -12.05
CA PRO B 62 -14.03 -20.71 -11.25
C PRO B 62 -14.19 -20.15 -9.84
N SER B 63 -13.16 -19.48 -9.32
CA SER B 63 -13.21 -18.88 -8.00
C SER B 63 -14.09 -17.63 -7.93
N PHE B 64 -14.42 -17.06 -9.09
CA PHE B 64 -15.16 -15.79 -9.12
C PHE B 64 -16.48 -15.84 -9.87
N GLN B 65 -16.68 -16.85 -10.71
CA GLN B 65 -17.93 -16.93 -11.45
C GLN B 65 -19.11 -16.99 -10.48
N GLY B 66 -20.14 -16.21 -10.79
CA GLY B 66 -21.31 -16.12 -9.94
C GLY B 66 -21.18 -15.13 -8.79
N GLN B 67 -19.99 -14.58 -8.60
CA GLN B 67 -19.75 -13.65 -7.49
C GLN B 67 -19.66 -12.21 -7.99
N VAL B 68 -19.34 -12.06 -9.27
CA VAL B 68 -19.14 -10.75 -9.86
CA VAL B 68 -19.12 -10.76 -9.89
C VAL B 68 -19.53 -10.82 -11.33
N ASN B 69 -19.87 -9.67 -11.91
CA ASN B 69 -20.15 -9.59 -13.33
C ASN B 69 -19.12 -8.73 -14.04
N ILE B 70 -18.56 -9.26 -15.11
CA ILE B 70 -17.64 -8.52 -15.97
C ILE B 70 -18.41 -8.16 -17.24
N SER B 71 -18.30 -6.91 -17.68
CA SER B 71 -18.97 -6.48 -18.90
C SER B 71 -18.16 -5.42 -19.63
N ALA B 72 -18.60 -5.05 -20.82
CA ALA B 72 -17.90 -4.04 -21.61
C ALA B 72 -18.87 -3.30 -22.49
N ASP B 73 -18.62 -2.01 -22.67
CA ASP B 73 -19.39 -1.19 -23.61
C ASP B 73 -18.44 -0.66 -24.67
N LYS B 74 -18.54 -1.24 -25.86
CA LYS B 74 -17.66 -0.89 -26.98
C LYS B 74 -17.70 0.58 -27.33
N SER B 75 -18.90 1.15 -27.36
CA SER B 75 -19.08 2.52 -27.80
C SER B 75 -18.38 3.54 -26.90
N SER B 76 -18.26 3.22 -25.61
CA SER B 76 -17.60 4.13 -24.68
C SER B 76 -16.20 3.61 -24.32
N ARG B 77 -15.77 2.55 -25.00
CA ARG B 77 -14.45 1.95 -24.78
C ARG B 77 -14.20 1.64 -23.31
N THR B 78 -15.19 1.08 -22.65
CA THR B 78 -15.10 0.87 -21.21
C THR B 78 -15.44 -0.56 -20.80
N ALA B 79 -14.63 -1.12 -19.92
CA ALA B 79 -14.92 -2.42 -19.30
C ALA B 79 -15.32 -2.20 -17.85
N PHE B 80 -16.11 -3.13 -17.31
CA PHE B 80 -16.67 -2.94 -15.98
C PHE B 80 -16.57 -4.21 -15.15
N LEU B 81 -16.54 -4.00 -13.85
CA LEU B 81 -16.62 -5.07 -12.87
C LEU B 81 -17.73 -4.66 -11.91
N GLU B 82 -18.68 -5.56 -11.65
CA GLU B 82 -19.81 -5.16 -10.82
CA GLU B 82 -19.89 -5.19 -10.90
C GLU B 82 -20.30 -6.23 -9.86
N TRP B 83 -20.70 -5.75 -8.69
CA TRP B 83 -21.27 -6.59 -7.64
C TRP B 83 -22.67 -6.10 -7.34
N SER B 84 -23.60 -7.04 -7.14
CA SER B 84 -24.96 -6.66 -6.78
CA SER B 84 -24.96 -6.67 -6.77
C SER B 84 -25.08 -6.42 -5.28
N SER B 85 -24.28 -7.13 -4.49
CA SER B 85 -24.35 -7.01 -3.03
C SER B 85 -22.98 -7.26 -2.41
N LEU B 86 -22.31 -6.20 -2.00
CA LEU B 86 -20.95 -6.30 -1.48
C LEU B 86 -20.89 -6.94 -0.10
N LYS B 87 -19.76 -7.59 0.17
CA LYS B 87 -19.44 -8.06 1.51
C LYS B 87 -18.16 -7.38 1.97
N ALA B 88 -17.93 -7.34 3.28
CA ALA B 88 -16.69 -6.78 3.82
C ALA B 88 -15.47 -7.44 3.18
N SER B 89 -15.58 -8.74 2.90
CA SER B 89 -14.49 -9.51 2.31
C SER B 89 -14.17 -9.14 0.86
N ASP B 90 -15.00 -8.30 0.24
CA ASP B 90 -14.70 -7.75 -1.08
C ASP B 90 -13.75 -6.56 -1.02
N SER B 91 -13.37 -6.14 0.18
CA SER B 91 -12.41 -5.05 0.32
C SER B 91 -11.08 -5.45 -0.32
N ALA B 92 -10.65 -4.69 -1.32
CA ALA B 92 -9.45 -5.03 -2.08
C ALA B 92 -9.16 -3.90 -3.05
N THR B 93 -8.00 -3.98 -3.70
CA THR B 93 -7.75 -3.18 -4.88
C THR B 93 -7.98 -4.03 -6.12
N TYR B 94 -8.68 -3.46 -7.09
CA TYR B 94 -9.00 -4.16 -8.32
C TYR B 94 -8.29 -3.49 -9.48
N PHE B 95 -7.51 -4.27 -10.22
CA PHE B 95 -6.80 -3.77 -11.39
C PHE B 95 -7.44 -4.32 -12.65
N CYS B 96 -7.50 -3.47 -13.67
CA CYS B 96 -7.77 -4.00 -14.99
CA CYS B 96 -7.80 -3.90 -15.02
C CYS B 96 -6.47 -3.95 -15.79
N ALA B 97 -6.34 -4.87 -16.73
CA ALA B 97 -5.11 -4.97 -17.51
C ALA B 97 -5.41 -5.47 -18.91
N ARG B 98 -4.76 -4.89 -19.90
CA ARG B 98 -4.94 -5.33 -21.27
C ARG B 98 -4.02 -6.50 -21.53
N LEU B 99 -4.51 -7.51 -22.25
CA LEU B 99 -3.63 -8.57 -22.70
C LEU B 99 -3.05 -8.14 -24.04
N GLY B 100 -1.74 -8.27 -24.16
CA GLY B 100 -1.03 -7.70 -25.29
C GLY B 100 -1.15 -8.48 -26.58
N GLY B 101 -1.51 -9.76 -26.47
CA GLY B 101 -1.52 -10.63 -27.63
C GLY B 101 -0.13 -10.89 -28.18
N TYR B 108 1.49 -20.06 -32.27
CA TYR B 108 0.88 -20.21 -30.95
C TYR B 108 0.35 -18.89 -30.41
N TYR B 109 -0.54 -18.97 -29.43
CA TYR B 109 -1.14 -17.79 -28.83
C TYR B 109 -0.57 -17.58 -27.43
N TYR B 110 -0.18 -16.34 -27.13
CA TYR B 110 0.44 -16.03 -25.84
C TYR B 110 -0.39 -15.04 -25.02
N TYR B 111 -0.67 -15.41 -23.78
CA TYR B 111 -1.40 -14.54 -22.86
C TYR B 111 -0.41 -13.79 -21.96
N TYR B 112 -0.46 -12.46 -21.97
CA TYR B 112 0.36 -11.64 -21.06
C TYR B 112 -0.28 -10.25 -20.91
N MET B 113 -0.16 -9.68 -19.72
CA MET B 113 -0.81 -8.41 -19.41
C MET B 113 0.14 -7.24 -19.54
N ASP B 114 0.01 -6.48 -20.62
CA ASP B 114 1.01 -5.49 -20.98
C ASP B 114 0.74 -4.06 -20.49
N VAL B 115 -0.52 -3.70 -20.35
CA VAL B 115 -0.89 -2.35 -19.91
C VAL B 115 -1.85 -2.51 -18.74
N TRP B 116 -1.50 -1.91 -17.61
CA TRP B 116 -2.30 -2.01 -16.40
C TRP B 116 -2.93 -0.68 -16.03
N GLY B 117 -4.16 -0.73 -15.56
CA GLY B 117 -4.76 0.42 -14.92
C GLY B 117 -4.13 0.69 -13.56
N LYS B 118 -4.43 1.85 -12.97
CA LYS B 118 -3.78 2.25 -11.73
C LYS B 118 -4.32 1.50 -10.51
N GLY B 119 -5.45 0.80 -10.69
CA GLY B 119 -6.12 0.12 -9.60
C GLY B 119 -7.23 0.97 -9.00
N THR B 120 -8.31 0.32 -8.59
CA THR B 120 -9.40 0.98 -7.88
C THR B 120 -9.51 0.31 -6.52
N THR B 121 -9.26 1.06 -5.46
CA THR B 121 -9.40 0.53 -4.12
CA THR B 121 -9.40 0.53 -4.12
C THR B 121 -10.84 0.59 -3.68
N VAL B 122 -11.33 -0.53 -3.14
CA VAL B 122 -12.69 -0.65 -2.66
C VAL B 122 -12.63 -1.03 -1.18
N THR B 123 -13.26 -0.22 -0.34
CA THR B 123 -13.34 -0.51 1.09
C THR B 123 -14.81 -0.73 1.43
N VAL B 124 -15.13 -1.92 1.94
CA VAL B 124 -16.50 -2.25 2.33
C VAL B 124 -16.55 -2.42 3.85
N SER B 125 -17.28 -1.54 4.54
CA SER B 125 -17.40 -1.64 5.99
C SER B 125 -18.65 -0.94 6.51
N SER B 126 -19.09 -1.36 7.70
CA SER B 126 -20.27 -0.77 8.33
C SER B 126 -19.91 -0.18 9.68
N TYR B 143 -6.16 -21.62 -6.63
CA TYR B 143 -4.88 -22.26 -6.86
C TYR B 143 -3.81 -21.22 -7.17
N GLU B 144 -2.59 -21.44 -6.70
CA GLU B 144 -1.47 -20.54 -6.93
C GLU B 144 -0.21 -21.30 -7.32
N LEU B 145 0.62 -20.67 -8.15
CA LEU B 145 1.98 -21.15 -8.38
C LEU B 145 2.78 -20.99 -7.10
N THR B 146 3.85 -21.76 -6.97
CA THR B 146 4.69 -21.71 -5.78
C THR B 146 5.90 -20.80 -5.99
N GLN B 147 5.97 -19.74 -5.18
CA GLN B 147 7.09 -18.80 -5.16
C GLN B 147 7.47 -18.55 -3.72
N PRO B 148 8.77 -18.48 -3.40
CA PRO B 148 9.14 -18.10 -2.03
CA PRO B 148 9.14 -18.10 -2.03
C PRO B 148 8.67 -16.68 -1.74
N PRO B 149 8.16 -16.44 -0.52
CA PRO B 149 7.61 -15.11 -0.23
C PRO B 149 8.67 -14.01 -0.07
N SER B 150 9.93 -14.37 0.09
CA SER B 150 10.98 -13.36 0.22
CA SER B 150 11.00 -13.38 0.28
C SER B 150 12.28 -13.81 -0.42
N ALA B 151 13.05 -12.85 -0.90
CA ALA B 151 14.39 -13.07 -1.42
C ALA B 151 15.21 -11.83 -1.10
N SER B 152 16.51 -11.98 -1.01
CA SER B 152 17.36 -10.85 -0.64
C SER B 152 18.77 -11.04 -1.17
N GLY B 153 19.48 -9.92 -1.29
CA GLY B 153 20.87 -9.94 -1.66
C GLY B 153 21.50 -8.61 -1.32
N THR B 154 22.81 -8.51 -1.49
CA THR B 154 23.52 -7.25 -1.27
C THR B 154 23.77 -6.55 -2.61
N PRO B 155 24.08 -5.24 -2.59
CA PRO B 155 24.20 -4.52 -3.86
C PRO B 155 25.21 -5.13 -4.82
N GLY B 156 24.79 -5.27 -6.08
CA GLY B 156 25.66 -5.80 -7.12
C GLY B 156 25.55 -7.30 -7.31
N GLN B 157 24.89 -7.98 -6.37
CA GLN B 157 24.72 -9.42 -6.48
C GLN B 157 23.68 -9.79 -7.53
N ARG B 158 23.73 -11.05 -7.96
CA ARG B 158 22.68 -11.60 -8.80
C ARG B 158 21.77 -12.45 -7.91
N VAL B 159 20.48 -12.15 -7.90
CA VAL B 159 19.52 -12.89 -7.10
CA VAL B 159 19.55 -12.93 -7.12
C VAL B 159 18.50 -13.54 -8.04
N THR B 160 18.15 -14.79 -7.77
CA THR B 160 17.15 -15.43 -8.58
C THR B 160 15.88 -15.68 -7.77
N ILE B 161 14.75 -15.57 -8.45
CA ILE B 161 13.46 -15.84 -7.84
C ILE B 161 12.83 -16.99 -8.63
N SER B 162 12.40 -18.03 -7.91
CA SER B 162 11.89 -19.22 -8.56
C SER B 162 10.37 -19.29 -8.49
N CYS B 163 9.82 -20.05 -9.43
CA CYS B 163 8.39 -20.23 -9.53
C CYS B 163 8.16 -21.66 -9.98
N SER B 164 7.28 -22.40 -9.30
CA SER B 164 7.01 -23.77 -9.71
C SER B 164 5.52 -24.00 -9.87
N GLY B 165 5.17 -24.79 -10.88
CA GLY B 165 3.78 -25.03 -11.17
C GLY B 165 3.55 -26.48 -11.49
N SER B 166 2.60 -26.72 -12.39
CA SER B 166 2.23 -28.07 -12.78
C SER B 166 2.11 -28.14 -14.29
N SER B 167 1.86 -29.34 -14.79
CA SER B 167 1.74 -29.56 -16.23
C SER B 167 0.66 -28.70 -16.87
N SER B 168 -0.41 -28.40 -16.13
CA SER B 168 -1.54 -27.66 -16.67
CA SER B 168 -1.54 -27.65 -16.67
C SER B 168 -1.28 -26.16 -16.83
N ASN B 169 -0.28 -25.63 -16.11
CA ASN B 169 0.06 -24.21 -16.26
C ASN B 169 1.47 -24.04 -16.83
N ILE B 170 2.47 -23.89 -15.98
CA ILE B 170 3.84 -23.70 -16.45
C ILE B 170 4.32 -24.79 -17.44
N GLY B 171 3.97 -26.04 -17.18
CA GLY B 171 4.36 -27.13 -18.05
C GLY B 171 3.96 -26.93 -19.51
N GLY B 172 2.75 -26.41 -19.74
CA GLY B 172 2.25 -26.25 -21.09
C GLY B 172 2.06 -24.83 -21.60
N ASN B 173 2.50 -23.84 -20.83
CA ASN B 173 2.28 -22.43 -21.19
C ASN B 173 3.46 -21.55 -20.85
N THR B 174 3.53 -20.38 -21.46
CA THR B 174 4.61 -19.45 -21.17
C THR B 174 4.41 -18.77 -19.80
N VAL B 175 5.50 -18.27 -19.24
CA VAL B 175 5.48 -17.60 -17.95
C VAL B 175 5.77 -16.12 -18.14
N ASN B 176 5.04 -15.30 -17.39
CA ASN B 176 5.25 -13.87 -17.32
C ASN B 176 5.67 -13.49 -15.91
N TRP B 177 6.38 -12.36 -15.79
CA TRP B 177 6.75 -11.83 -14.49
C TRP B 177 6.32 -10.38 -14.41
N TYR B 178 5.75 -10.02 -13.26
CA TYR B 178 5.30 -8.66 -12.97
C TYR B 178 6.02 -8.13 -11.75
N GLN B 179 6.38 -6.85 -11.79
CA GLN B 179 7.00 -6.17 -10.66
C GLN B 179 5.98 -5.20 -10.08
N GLN B 180 5.83 -5.18 -8.77
CA GLN B 180 4.91 -4.25 -8.14
C GLN B 180 5.58 -3.54 -6.98
N VAL B 181 5.67 -2.22 -7.08
CA VAL B 181 6.05 -1.39 -5.95
C VAL B 181 4.77 -1.09 -5.19
N PRO B 182 4.79 -1.22 -3.85
CA PRO B 182 3.61 -1.01 -3.01
C PRO B 182 2.81 0.24 -3.34
N GLY B 183 1.50 0.11 -3.45
CA GLY B 183 0.62 1.24 -3.70
C GLY B 183 0.45 1.57 -5.17
N THR B 184 1.20 0.86 -6.02
CA THR B 184 1.16 1.12 -7.46
C THR B 184 0.78 -0.14 -8.21
N ALA B 185 0.45 0.02 -9.48
CA ALA B 185 0.05 -1.10 -10.31
C ALA B 185 1.26 -1.92 -10.71
N PRO B 186 1.06 -3.23 -10.88
CA PRO B 186 2.11 -4.08 -11.43
C PRO B 186 2.62 -3.61 -12.82
N ARG B 187 3.89 -3.94 -13.11
CA ARG B 187 4.57 -3.64 -14.38
C ARG B 187 4.99 -4.97 -14.99
N LEU B 188 4.66 -5.17 -16.27
CA LEU B 188 5.15 -6.34 -16.97
C LEU B 188 6.67 -6.23 -17.10
N LEU B 189 7.36 -7.25 -16.62
CA LEU B 189 8.80 -7.26 -16.62
C LEU B 189 9.36 -8.25 -17.65
N ILE B 190 8.75 -9.43 -17.70
CA ILE B 190 9.15 -10.48 -18.63
C ILE B 190 7.88 -11.12 -19.16
N TYR B 191 7.83 -11.35 -20.47
CA TYR B 191 6.74 -12.13 -21.03
C TYR B 191 7.31 -13.23 -21.92
N LYS B 192 6.48 -14.24 -22.19
CA LYS B 192 6.88 -15.37 -23.02
C LYS B 192 8.20 -15.97 -22.53
N ASN B 193 8.27 -16.22 -21.22
CA ASN B 193 9.41 -16.84 -20.54
C ASN B 193 10.64 -15.96 -20.37
N ASN B 194 11.03 -15.24 -21.42
CA ASN B 194 12.32 -14.56 -21.42
C ASN B 194 12.40 -13.25 -22.20
N GLN B 195 11.26 -12.68 -22.58
CA GLN B 195 11.26 -11.45 -23.36
C GLN B 195 11.02 -10.22 -22.49
N ARG B 196 11.77 -9.14 -22.74
CA ARG B 196 11.58 -7.90 -22.01
CA ARG B 196 11.59 -7.89 -22.01
C ARG B 196 10.81 -6.86 -22.84
N PRO B 197 9.77 -6.27 -22.23
CA PRO B 197 9.10 -5.13 -22.88
C PRO B 197 10.08 -3.97 -23.04
N SER B 198 9.76 -3.06 -23.96
CA SER B 198 10.58 -1.88 -24.18
C SER B 198 10.79 -1.10 -22.89
N GLY B 199 12.03 -0.78 -22.59
CA GLY B 199 12.31 0.03 -21.42
C GLY B 199 12.63 -0.76 -20.17
N VAL B 200 12.33 -2.06 -20.15
CA VAL B 200 12.68 -2.85 -18.98
C VAL B 200 14.18 -3.07 -18.96
N PRO B 201 14.83 -2.74 -17.83
CA PRO B 201 16.28 -2.89 -17.72
C PRO B 201 16.77 -4.29 -18.05
N ASP B 202 17.92 -4.34 -18.73
CA ASP B 202 18.48 -5.62 -19.14
C ASP B 202 19.04 -6.45 -17.98
N ARG B 203 19.01 -5.90 -16.75
CA ARG B 203 19.39 -6.63 -15.56
C ARG B 203 18.36 -7.70 -15.19
N PHE B 204 17.17 -7.63 -15.80
CA PHE B 204 16.14 -8.64 -15.57
C PHE B 204 16.16 -9.67 -16.67
N SER B 205 16.19 -10.95 -16.30
CA SER B 205 16.10 -12.01 -17.30
C SER B 205 15.27 -13.16 -16.77
N GLY B 206 14.67 -13.91 -17.68
CA GLY B 206 13.80 -15.00 -17.27
C GLY B 206 14.14 -16.27 -18.00
N SER B 207 13.79 -17.39 -17.40
CA SER B 207 13.95 -18.67 -18.04
C SER B 207 12.84 -19.61 -17.59
N LYS B 208 12.64 -20.67 -18.35
CA LYS B 208 11.63 -21.67 -18.03
C LYS B 208 12.16 -23.05 -18.38
N SER B 209 11.92 -24.01 -17.50
CA SER B 209 12.31 -25.40 -17.75
C SER B 209 11.28 -26.32 -17.12
N GLY B 210 10.61 -27.12 -17.95
CA GLY B 210 9.60 -28.03 -17.46
C GLY B 210 8.46 -27.28 -16.78
N THR B 211 8.24 -27.59 -15.51
CA THR B 211 7.17 -26.97 -14.74
C THR B 211 7.69 -25.87 -13.80
N SER B 212 8.92 -25.42 -14.04
CA SER B 212 9.50 -24.35 -13.23
C SER B 212 9.97 -23.18 -14.07
N ALA B 213 10.04 -22.01 -13.43
CA ALA B 213 10.56 -20.82 -14.08
C ALA B 213 11.37 -20.01 -13.10
N SER B 214 12.20 -19.12 -13.62
CA SER B 214 13.08 -18.32 -12.79
CA SER B 214 13.08 -18.32 -12.79
C SER B 214 13.23 -16.91 -13.34
N LEU B 215 13.30 -15.95 -12.43
CA LEU B 215 13.61 -14.58 -12.76
C LEU B 215 14.96 -14.28 -12.14
N ALA B 216 15.91 -13.79 -12.94
CA ALA B 216 17.21 -13.42 -12.40
C ALA B 216 17.33 -11.90 -12.44
N ILE B 217 17.76 -11.34 -11.31
CA ILE B 217 18.02 -9.91 -11.22
CA ILE B 217 18.02 -9.90 -11.20
C ILE B 217 19.50 -9.71 -10.94
N SER B 218 20.21 -9.22 -11.94
CA SER B 218 21.64 -8.98 -11.80
CA SER B 218 21.64 -8.98 -11.80
C SER B 218 21.90 -7.55 -11.37
N GLY B 219 23.09 -7.30 -10.85
CA GLY B 219 23.48 -5.96 -10.44
C GLY B 219 22.47 -5.36 -9.46
N LEU B 220 22.09 -6.15 -8.47
CA LEU B 220 21.05 -5.77 -7.53
C LEU B 220 21.26 -4.38 -6.93
N ARG B 221 20.18 -3.59 -6.84
CA ARG B 221 20.27 -2.26 -6.25
C ARG B 221 18.93 -1.89 -5.64
N SER B 222 18.92 -0.81 -4.86
CA SER B 222 17.76 -0.43 -4.07
CA SER B 222 17.75 -0.44 -4.07
C SER B 222 16.47 -0.27 -4.89
N GLU B 223 16.58 0.24 -6.12
CA GLU B 223 15.37 0.43 -6.92
C GLU B 223 14.68 -0.88 -7.33
N ASP B 224 15.36 -2.01 -7.11
CA ASP B 224 14.77 -3.31 -7.37
C ASP B 224 13.88 -3.81 -6.24
N GLU B 225 13.89 -3.12 -5.10
CA GLU B 225 13.03 -3.53 -3.99
C GLU B 225 11.55 -3.40 -4.38
N ALA B 226 10.86 -4.53 -4.40
CA ALA B 226 9.52 -4.60 -4.93
C ALA B 226 9.02 -6.01 -4.69
N ASP B 227 7.74 -6.22 -4.99
CA ASP B 227 7.16 -7.54 -5.03
C ASP B 227 7.17 -8.06 -6.48
N TYR B 228 7.54 -9.33 -6.65
CA TYR B 228 7.62 -9.93 -7.99
C TYR B 228 6.67 -11.10 -8.06
N TYR B 229 5.83 -11.11 -9.09
CA TYR B 229 4.84 -12.17 -9.27
C TYR B 229 5.09 -12.90 -10.57
N CYS B 230 5.13 -14.22 -10.49
CA CYS B 230 5.10 -15.01 -11.71
CA CYS B 230 5.11 -15.12 -11.62
C CYS B 230 3.65 -15.34 -12.04
N GLU B 231 3.41 -15.61 -13.34
CA GLU B 231 2.05 -15.86 -13.80
C GLU B 231 2.10 -16.75 -15.04
N ALA B 232 1.14 -17.65 -15.16
CA ALA B 232 1.04 -18.49 -16.34
C ALA B 232 -0.42 -18.81 -16.57
N TRP B 233 -0.77 -19.01 -17.84
CA TRP B 233 -2.09 -19.51 -18.20
C TRP B 233 -2.24 -20.95 -17.72
N ASP B 234 -3.41 -21.29 -17.20
CA ASP B 234 -3.73 -22.67 -16.86
C ASP B 234 -4.86 -23.14 -17.75
N GLY B 235 -4.59 -24.13 -18.59
CA GLY B 235 -5.56 -24.62 -19.55
C GLY B 235 -6.76 -25.28 -18.91
N GLY B 236 -6.56 -25.87 -17.74
CA GLY B 236 -7.64 -26.53 -17.02
C GLY B 236 -8.59 -25.55 -16.39
N LEU B 237 -8.04 -24.46 -15.85
CA LEU B 237 -8.85 -23.43 -15.21
C LEU B 237 -9.35 -22.42 -16.22
N ARG B 238 -8.77 -22.44 -17.42
CA ARG B 238 -9.13 -21.51 -18.48
C ARG B 238 -8.89 -20.05 -18.06
N GLY B 239 -7.76 -19.81 -17.41
CA GLY B 239 -7.44 -18.48 -16.94
C GLY B 239 -6.04 -18.42 -16.36
N GLY B 240 -5.64 -17.23 -15.94
CA GLY B 240 -4.30 -17.07 -15.41
C GLY B 240 -4.18 -17.51 -13.97
N VAL B 241 -2.99 -17.96 -13.60
CA VAL B 241 -2.69 -18.27 -12.21
CA VAL B 241 -2.70 -18.26 -12.22
C VAL B 241 -1.42 -17.56 -11.82
N PHE B 242 -1.41 -16.99 -10.62
CA PHE B 242 -0.28 -16.23 -10.12
C PHE B 242 0.44 -17.02 -9.04
N GLY B 243 1.73 -16.76 -8.91
CA GLY B 243 2.44 -17.14 -7.70
C GLY B 243 2.03 -16.19 -6.58
N GLY B 244 2.42 -16.53 -5.36
CA GLY B 244 2.05 -15.73 -4.20
C GLY B 244 2.82 -14.42 -4.08
N GLY B 245 3.84 -14.24 -4.89
CA GLY B 245 4.65 -13.04 -4.83
C GLY B 245 5.90 -13.23 -3.98
N THR B 246 7.00 -12.63 -4.43
CA THR B 246 8.25 -12.64 -3.69
C THR B 246 8.65 -11.19 -3.41
N LYS B 247 8.81 -10.85 -2.12
CA LYS B 247 9.30 -9.54 -1.73
CA LYS B 247 9.29 -9.55 -1.72
C LYS B 247 10.82 -9.56 -1.76
N LEU B 248 11.40 -8.72 -2.60
CA LEU B 248 12.86 -8.65 -2.73
C LEU B 248 13.40 -7.49 -1.92
N THR B 249 14.33 -7.80 -1.02
CA THR B 249 14.98 -6.80 -0.16
CA THR B 249 14.98 -6.76 -0.23
C THR B 249 16.46 -6.71 -0.52
N VAL B 250 17.03 -5.51 -0.47
CA VAL B 250 18.44 -5.33 -0.72
C VAL B 250 19.10 -4.99 0.61
N LEU B 251 20.00 -5.87 1.06
CA LEU B 251 20.60 -5.76 2.38
C LEU B 251 22.02 -5.21 2.38
N GLY B 252 22.53 -4.93 3.58
CA GLY B 252 23.93 -4.62 3.83
C GLY B 252 24.60 -3.60 2.92
N ASP B 253 25.92 -3.65 2.88
CA ASP B 253 26.72 -2.73 2.08
C ASP B 253 27.63 -3.49 1.12
N TYR B 254 27.98 -2.85 0.01
CA TYR B 254 28.87 -3.46 -0.98
#